data_7PX7
#
_entry.id   7PX7
#
_cell.length_a   45.460
_cell.length_b   69.250
_cell.length_c   161.020
_cell.angle_alpha   90.000
_cell.angle_beta   90.000
_cell.angle_gamma   90.000
#
_symmetry.space_group_name_H-M   'P 21 21 21'
#
loop_
_entity.id
_entity.type
_entity.pdbx_description
1 polymer 'Protein mono-ADP-ribosyltransferase PARP15'
2 non-polymer 6-(thiophen-2-ylmethoxy)phthalazine-1,4-dione
3 non-polymer (4S)-2-METHYL-2,4-PENTANEDIOL
4 water water
#
_entity_poly.entity_id   1
_entity_poly.type   'polypeptide(L)'
_entity_poly.pdbx_seq_one_letter_code
;MHHHHHHSSGVDLGTENLYFQSMNLPEHWTDMNHQLFCMVQLEPGQSEYNTIKDKFTRTCSSYAIEKIERIQNAFLWQSY
QVKKRQMDIKNDHKNNERLLFHGTDADSVPYVNQHGFNRSCAGKNAVSYGKGTYFAVDASYSAKDTYSKPDSNGRKHMYV
VRVLTGVFTKGRAGLVTPPPKNPHNPTDLFDSVTNNTRSPKLFVVFFDNQAYPEYLITFTA
;
_entity_poly.pdbx_strand_id   A,B
#
# COMPACT_ATOMS: atom_id res chain seq x y z
N ASN A 24 12.01 -5.47 -15.51
CA ASN A 24 11.94 -4.54 -16.69
C ASN A 24 12.49 -3.16 -16.29
N LEU A 25 13.74 -3.13 -15.80
CA LEU A 25 14.40 -1.93 -15.22
C LEU A 25 14.76 -0.93 -16.33
N PRO A 26 14.57 0.38 -16.10
CA PRO A 26 14.74 1.40 -17.13
C PRO A 26 16.16 1.46 -17.72
N GLU A 27 16.26 1.82 -19.01
CA GLU A 27 17.53 1.82 -19.77
C GLU A 27 18.53 2.76 -19.09
N HIS A 28 18.09 3.94 -18.64
CA HIS A 28 18.96 5.03 -18.13
C HIS A 28 19.49 4.73 -16.72
N TRP A 29 18.96 3.70 -16.06
CA TRP A 29 19.58 3.18 -14.83
C TRP A 29 20.96 2.66 -15.21
N THR A 30 21.87 2.66 -14.26
CA THR A 30 23.20 2.07 -14.46
C THR A 30 23.25 0.74 -13.70
N ASP A 31 24.17 -0.12 -14.12
CA ASP A 31 24.29 -1.53 -13.67
C ASP A 31 24.42 -1.58 -12.15
N MET A 32 23.79 -2.55 -11.51
CA MET A 32 23.79 -2.60 -10.02
C MET A 32 24.48 -3.85 -9.47
N ASN A 33 25.27 -4.56 -10.29
CA ASN A 33 26.08 -5.71 -9.84
C ASN A 33 25.16 -6.71 -9.13
N HIS A 34 24.00 -6.98 -9.74
CA HIS A 34 23.02 -8.01 -9.31
CA HIS A 34 23.02 -8.02 -9.30
C HIS A 34 22.35 -7.63 -7.97
N GLN A 35 22.46 -6.37 -7.55
CA GLN A 35 21.74 -5.89 -6.35
C GLN A 35 20.45 -5.17 -6.79
N LEU A 36 19.56 -4.90 -5.84
CA LEU A 36 18.19 -4.44 -6.16
C LEU A 36 17.94 -3.02 -5.67
N PHE A 37 18.90 -2.41 -4.98
CA PHE A 37 18.78 -1.02 -4.48
C PHE A 37 20.14 -0.32 -4.59
N CYS A 38 20.17 0.85 -5.19
CA CYS A 38 21.35 1.75 -5.08
CA CYS A 38 21.38 1.73 -5.23
C CYS A 38 20.93 3.19 -5.37
N MET A 39 21.66 4.11 -4.74
CA MET A 39 21.53 5.57 -4.96
C MET A 39 22.73 5.96 -5.84
N VAL A 40 22.48 6.52 -7.02
CA VAL A 40 23.55 6.82 -8.00
C VAL A 40 23.70 8.34 -8.10
N GLN A 41 24.86 8.89 -7.71
CA GLN A 41 25.07 10.35 -7.80
C GLN A 41 25.20 10.72 -9.28
N LEU A 42 24.42 11.69 -9.75
CA LEU A 42 24.46 12.14 -11.16
C LEU A 42 25.68 13.01 -11.39
N GLU A 43 26.19 12.92 -12.61
CA GLU A 43 27.31 13.71 -13.16
C GLU A 43 26.78 15.08 -13.55
N PRO A 44 27.23 16.18 -12.91
CA PRO A 44 26.83 17.54 -13.30
C PRO A 44 27.16 17.81 -14.76
N GLY A 45 26.27 18.51 -15.46
CA GLY A 45 26.49 18.94 -16.85
C GLY A 45 26.07 17.89 -17.87
N GLN A 46 25.66 16.69 -17.46
CA GLN A 46 25.11 15.71 -18.42
C GLN A 46 23.59 15.87 -18.49
N SER A 47 23.00 15.32 -19.54
CA SER A 47 21.59 15.54 -19.95
C SER A 47 20.64 15.30 -18.78
N GLU A 48 20.80 14.17 -18.09
CA GLU A 48 19.86 13.76 -17.02
C GLU A 48 19.93 14.75 -15.84
N TYR A 49 21.13 15.05 -15.34
CA TYR A 49 21.35 16.04 -14.25
C TYR A 49 20.76 17.40 -14.68
N ASN A 50 21.09 17.85 -15.90
CA ASN A 50 20.61 19.17 -16.39
C ASN A 50 19.08 19.21 -16.37
N THR A 51 18.41 18.15 -16.80
CA THR A 51 16.94 18.12 -16.90
C THR A 51 16.33 18.26 -15.50
N ILE A 52 16.85 17.49 -14.53
CA ILE A 52 16.29 17.50 -13.15
C ILE A 52 16.63 18.85 -12.50
N LYS A 53 17.85 19.35 -12.69
CA LYS A 53 18.24 20.67 -12.13
C LYS A 53 17.30 21.75 -12.66
N ASP A 54 16.99 21.75 -13.96
CA ASP A 54 16.10 22.77 -14.58
C ASP A 54 14.71 22.74 -13.94
N LYS A 55 14.16 21.55 -13.68
CA LYS A 55 12.82 21.39 -13.05
C LYS A 55 12.81 22.08 -11.67
N PHE A 56 13.90 21.93 -10.93
CA PHE A 56 14.08 22.55 -9.59
C PHE A 56 14.30 24.06 -9.71
N THR A 57 15.25 24.49 -10.56
CA THR A 57 15.67 25.93 -10.62
C THR A 57 14.57 26.78 -11.28
N ARG A 58 13.58 26.17 -11.93
CA ARG A 58 12.39 26.90 -12.44
C ARG A 58 11.77 27.75 -11.32
N THR A 59 11.72 27.25 -10.07
CA THR A 59 11.15 28.01 -8.92
C THR A 59 12.16 28.16 -7.77
N CYS A 60 13.34 27.50 -7.79
CA CYS A 60 14.31 27.49 -6.66
C CYS A 60 15.69 27.94 -7.13
N SER A 61 15.77 28.93 -8.02
CA SER A 61 17.07 29.39 -8.58
C SER A 61 17.93 30.06 -7.51
N SER A 62 17.40 30.47 -6.35
CA SER A 62 18.19 31.14 -5.28
C SER A 62 18.84 30.13 -4.34
N TYR A 63 18.57 28.83 -4.51
CA TYR A 63 19.14 27.78 -3.63
C TYR A 63 20.51 27.36 -4.20
N ALA A 64 21.25 26.57 -3.44
CA ALA A 64 22.53 25.96 -3.86
C ALA A 64 22.35 24.43 -3.90
N ILE A 65 22.53 23.81 -5.07
CA ILE A 65 22.47 22.33 -5.26
C ILE A 65 23.83 21.72 -4.91
N GLU A 66 23.84 20.83 -3.93
CA GLU A 66 25.06 20.07 -3.54
C GLU A 66 25.17 18.83 -4.43
N LYS A 67 24.09 18.07 -4.59
CA LYS A 67 24.13 16.91 -5.51
C LYS A 67 22.71 16.46 -5.85
N ILE A 68 22.62 15.65 -6.89
CA ILE A 68 21.35 15.00 -7.31
C ILE A 68 21.65 13.53 -7.47
N GLU A 69 20.82 12.66 -6.85
CA GLU A 69 21.04 11.20 -6.87
C GLU A 69 19.84 10.55 -7.53
N ARG A 70 20.09 9.58 -8.40
CA ARG A 70 19.04 8.72 -9.02
C ARG A 70 18.74 7.60 -8.05
N ILE A 71 17.47 7.38 -7.72
CA ILE A 71 17.03 6.28 -6.82
C ILE A 71 16.72 5.04 -7.67
N GLN A 72 17.53 4.01 -7.55
CA GLN A 72 17.34 2.74 -8.29
C GLN A 72 16.85 1.70 -7.30
N ASN A 73 15.53 1.61 -7.14
CA ASN A 73 14.88 0.69 -6.17
C ASN A 73 14.02 -0.27 -6.98
N ALA A 74 14.54 -1.45 -7.28
CA ALA A 74 13.90 -2.41 -8.19
C ALA A 74 12.49 -2.76 -7.70
N PHE A 75 12.34 -3.11 -6.42
CA PHE A 75 11.04 -3.56 -5.89
C PHE A 75 10.03 -2.41 -5.96
N LEU A 76 10.41 -1.22 -5.49
CA LEU A 76 9.47 -0.07 -5.53
C LEU A 76 9.09 0.19 -6.99
N TRP A 77 10.05 0.15 -7.91
CA TRP A 77 9.76 0.42 -9.34
C TRP A 77 8.75 -0.61 -9.86
N GLN A 78 9.01 -1.88 -9.58
N GLN A 78 8.95 -1.88 -9.56
CA GLN A 78 8.14 -3.03 -9.96
CA GLN A 78 8.04 -2.95 -10.07
C GLN A 78 6.70 -2.72 -9.51
C GLN A 78 6.64 -2.73 -9.52
N SER A 79 6.49 -2.47 -8.23
CA SER A 79 5.13 -2.25 -7.64
C SER A 79 4.43 -1.04 -8.24
N TYR A 80 5.19 0.05 -8.45
CA TYR A 80 4.69 1.28 -9.09
C TYR A 80 4.27 1.00 -10.53
N GLN A 81 5.10 0.30 -11.32
CA GLN A 81 4.80 0.07 -12.75
C GLN A 81 3.56 -0.82 -12.88
N VAL A 82 3.33 -1.72 -11.92
CA VAL A 82 2.10 -2.54 -11.94
C VAL A 82 0.89 -1.62 -11.71
N LYS A 83 0.96 -0.74 -10.72
CA LYS A 83 -0.16 0.21 -10.46
CA LYS A 83 -0.14 0.24 -10.45
C LYS A 83 -0.36 1.09 -11.70
N LYS A 84 0.72 1.54 -12.35
CA LYS A 84 0.60 2.38 -13.57
C LYS A 84 -0.15 1.61 -14.67
N ARG A 85 0.25 0.38 -14.95
CA ARG A 85 -0.42 -0.45 -16.00
C ARG A 85 -1.90 -0.59 -15.66
N GLN A 86 -2.23 -0.81 -14.38
CA GLN A 86 -3.63 -1.00 -13.92
C GLN A 86 -4.40 0.31 -14.15
N MET A 87 -3.84 1.46 -13.75
CA MET A 87 -4.52 2.76 -13.90
C MET A 87 -4.71 3.09 -15.39
N ASP A 88 -3.75 2.76 -16.24
CA ASP A 88 -3.85 2.99 -17.70
C ASP A 88 -5.01 2.17 -18.28
N ILE A 89 -5.20 0.92 -17.85
CA ILE A 89 -6.38 0.09 -18.22
C ILE A 89 -7.68 0.71 -17.70
N LYS A 90 -7.74 0.97 -16.39
CA LYS A 90 -8.94 1.48 -15.68
C LYS A 90 -9.43 2.76 -16.36
N ASN A 91 -8.51 3.69 -16.63
CA ASN A 91 -8.86 5.05 -17.11
C ASN A 91 -8.94 5.06 -18.63
N ASP A 92 -8.48 4.00 -19.31
CA ASP A 92 -8.67 3.80 -20.77
C ASP A 92 -7.85 4.84 -21.55
N HIS A 93 -6.73 5.28 -20.96
CA HIS A 93 -5.77 6.25 -21.56
C HIS A 93 -4.50 6.23 -20.70
N LYS A 94 -3.39 6.70 -21.28
CA LYS A 94 -2.16 7.10 -20.54
C LYS A 94 -2.43 8.48 -19.94
N ASN A 95 -1.41 9.30 -19.72
CA ASN A 95 -1.57 10.64 -19.09
C ASN A 95 -2.04 10.49 -17.64
N ASN A 96 -1.68 9.42 -16.94
CA ASN A 96 -2.04 9.25 -15.50
C ASN A 96 -0.89 9.71 -14.60
N GLU A 97 0.26 10.05 -15.18
CA GLU A 97 1.52 10.30 -14.42
C GLU A 97 1.92 11.77 -14.48
N ARG A 98 2.40 12.32 -13.36
CA ARG A 98 2.93 13.71 -13.25
C ARG A 98 4.27 13.62 -12.49
N LEU A 99 5.20 14.54 -12.76
CA LEU A 99 6.44 14.62 -11.97
C LEU A 99 6.26 15.75 -10.95
N LEU A 100 6.35 15.41 -9.67
CA LEU A 100 6.07 16.37 -8.56
C LEU A 100 7.20 16.35 -7.55
N PHE A 101 7.16 17.25 -6.57
CA PHE A 101 8.22 17.41 -5.55
C PHE A 101 7.70 17.02 -4.18
N HIS A 102 8.61 16.53 -3.34
CA HIS A 102 8.30 16.21 -1.94
C HIS A 102 9.53 16.50 -1.08
N GLY A 103 9.42 17.51 -0.22
CA GLY A 103 10.45 17.86 0.77
C GLY A 103 10.29 17.00 2.00
N THR A 104 11.38 16.54 2.59
CA THR A 104 11.29 15.80 3.87
C THR A 104 12.51 16.10 4.74
N ASP A 105 12.47 15.65 5.99
CA ASP A 105 13.62 15.80 6.92
C ASP A 105 14.64 14.71 6.64
N ALA A 106 15.88 14.95 7.02
CA ALA A 106 17.01 14.03 6.80
C ALA A 106 16.74 12.65 7.42
N ASP A 107 16.06 12.60 8.56
CA ASP A 107 15.85 11.31 9.27
C ASP A 107 14.83 10.44 8.51
N SER A 108 14.04 10.99 7.59
CA SER A 108 13.07 10.21 6.77
C SER A 108 13.68 9.75 5.44
N VAL A 109 14.84 10.27 5.03
CA VAL A 109 15.40 9.97 3.69
C VAL A 109 15.72 8.48 3.53
N PRO A 110 16.40 7.78 4.47
CA PRO A 110 16.65 6.36 4.29
C PRO A 110 15.36 5.55 4.10
N TYR A 111 14.32 5.87 4.87
CA TYR A 111 12.99 5.18 4.77
C TYR A 111 12.44 5.40 3.36
N VAL A 112 12.36 6.65 2.89
CA VAL A 112 11.74 6.90 1.55
C VAL A 112 12.56 6.20 0.45
N ASN A 113 13.89 6.29 0.50
CA ASN A 113 14.73 5.63 -0.53
C ASN A 113 14.40 4.14 -0.64
N GLN A 114 14.15 3.48 0.49
CA GLN A 114 13.99 2.00 0.54
C GLN A 114 12.52 1.61 0.40
N HIS A 115 11.60 2.37 0.98
CA HIS A 115 10.18 1.95 1.16
C HIS A 115 9.19 2.89 0.46
N GLY A 116 9.65 4.01 -0.09
CA GLY A 116 8.78 5.03 -0.69
C GLY A 116 7.95 5.79 0.34
N PHE A 117 6.78 6.25 -0.08
CA PHE A 117 5.95 7.16 0.74
C PHE A 117 4.92 6.36 1.54
N ASN A 118 4.66 6.79 2.76
CA ASN A 118 3.76 6.09 3.72
C ASN A 118 2.84 7.09 4.39
N ARG A 119 1.56 7.03 4.06
CA ARG A 119 0.55 7.96 4.60
C ARG A 119 0.47 7.82 6.13
N SER A 120 0.89 6.69 6.70
CA SER A 120 0.81 6.40 8.16
C SER A 120 1.89 7.17 8.91
N CYS A 121 2.85 7.77 8.21
CA CYS A 121 3.97 8.54 8.83
C CYS A 121 3.58 10.04 8.85
N ASN A 125 2.56 18.08 9.73
CA ASN A 125 2.26 19.13 8.72
C ASN A 125 0.78 19.13 8.36
N ALA A 126 0.31 20.16 7.67
CA ALA A 126 -1.11 20.34 7.29
C ALA A 126 -1.58 19.16 6.43
N VAL A 127 -2.80 18.68 6.68
CA VAL A 127 -3.43 17.59 5.88
C VAL A 127 -4.86 17.99 5.53
N SER A 128 -5.04 19.26 5.18
CA SER A 128 -6.32 19.93 4.86
C SER A 128 -7.08 19.24 3.75
N TYR A 129 -6.39 18.50 2.85
CA TYR A 129 -7.03 17.92 1.63
C TYR A 129 -7.13 16.40 1.79
N GLY A 130 -6.85 15.87 2.97
CA GLY A 130 -6.98 14.43 3.25
C GLY A 130 -5.73 13.83 3.87
N LYS A 131 -5.89 12.65 4.47
CA LYS A 131 -4.81 11.94 5.19
C LYS A 131 -4.09 11.04 4.18
N GLY A 132 -3.30 11.68 3.31
CA GLY A 132 -2.46 10.96 2.34
C GLY A 132 -1.07 11.55 2.30
N THR A 133 -0.27 11.18 1.31
CA THR A 133 1.05 11.80 1.11
C THR A 133 0.86 12.95 0.12
N TYR A 134 1.45 14.11 0.43
CA TYR A 134 1.34 15.36 -0.34
C TYR A 134 2.56 15.49 -1.26
N PHE A 135 2.30 16.00 -2.45
CA PHE A 135 3.33 16.34 -3.47
C PHE A 135 2.99 17.70 -4.06
N ALA A 136 4.01 18.52 -4.25
CA ALA A 136 3.88 19.90 -4.76
C ALA A 136 4.21 19.96 -6.25
N VAL A 137 3.47 20.80 -6.97
CA VAL A 137 3.75 21.10 -8.39
C VAL A 137 5.07 21.89 -8.49
N ASP A 138 5.29 22.83 -7.56
CA ASP A 138 6.47 23.74 -7.56
C ASP A 138 7.48 23.32 -6.50
N ALA A 139 8.77 23.21 -6.88
CA ALA A 139 9.84 22.89 -5.92
C ALA A 139 9.85 23.94 -4.79
N SER A 140 9.52 25.21 -5.10
CA SER A 140 9.55 26.33 -4.12
C SER A 140 8.68 25.98 -2.91
N TYR A 141 7.56 25.28 -3.13
CA TYR A 141 6.64 24.94 -2.02
C TYR A 141 7.29 23.89 -1.10
N SER A 142 7.81 22.80 -1.69
CA SER A 142 8.54 21.74 -0.98
C SER A 142 9.83 22.26 -0.32
N ALA A 143 10.37 23.38 -0.79
CA ALA A 143 11.62 23.99 -0.27
C ALA A 143 11.38 24.70 1.06
N LYS A 144 10.12 24.90 1.46
CA LYS A 144 9.83 25.47 2.81
C LYS A 144 10.48 24.60 3.89
N ASP A 145 11.07 25.24 4.91
CA ASP A 145 11.77 24.55 6.02
C ASP A 145 10.80 23.60 6.75
N THR A 146 9.50 23.86 6.76
CA THR A 146 8.52 22.96 7.42
C THR A 146 8.48 21.58 6.72
N TYR A 147 8.86 21.49 5.45
CA TYR A 147 8.85 20.23 4.65
C TYR A 147 10.28 19.72 4.53
N SER A 148 11.15 20.45 3.82
CA SER A 148 12.59 20.09 3.67
C SER A 148 13.39 20.65 4.86
N LYS A 149 13.17 20.09 6.05
CA LYS A 149 13.78 20.61 7.32
CA LYS A 149 13.79 20.62 7.31
C LYS A 149 15.31 20.64 7.16
N PRO A 150 15.96 21.81 7.36
CA PRO A 150 17.43 21.86 7.29
C PRO A 150 18.03 21.03 8.43
N ASP A 151 19.04 20.21 8.12
CA ASP A 151 19.64 19.28 9.10
C ASP A 151 20.69 20.05 9.89
N SER A 152 21.38 19.39 10.81
CA SER A 152 22.28 20.05 11.78
C SER A 152 23.46 20.71 11.05
N ASN A 153 23.55 20.58 9.72
CA ASN A 153 24.59 21.19 8.85
C ASN A 153 23.98 22.15 7.82
N GLY A 154 22.67 22.39 7.82
CA GLY A 154 22.01 23.34 6.89
C GLY A 154 21.52 22.66 5.61
N ARG A 155 21.76 21.37 5.46
CA ARG A 155 21.39 20.63 4.23
C ARG A 155 19.88 20.38 4.22
N LYS A 156 19.27 20.56 3.06
CA LYS A 156 17.82 20.35 2.86
C LYS A 156 17.65 19.25 1.80
N HIS A 157 16.55 18.50 1.86
CA HIS A 157 16.35 17.30 1.01
C HIS A 157 14.98 17.36 0.34
N MET A 158 14.94 17.18 -0.97
CA MET A 158 13.67 17.16 -1.72
C MET A 158 13.74 16.06 -2.79
N TYR A 159 12.68 15.27 -2.88
CA TYR A 159 12.52 14.25 -3.93
C TYR A 159 11.82 14.84 -5.14
N VAL A 160 12.21 14.34 -6.31
CA VAL A 160 11.47 14.44 -7.57
C VAL A 160 10.76 13.11 -7.77
N VAL A 161 9.43 13.15 -7.89
CA VAL A 161 8.60 11.93 -7.70
C VAL A 161 7.71 11.71 -8.93
N ARG A 162 7.68 10.48 -9.45
CA ARG A 162 6.66 10.05 -10.45
C ARG A 162 5.38 9.71 -9.68
N VAL A 163 4.30 10.46 -9.88
CA VAL A 163 3.04 10.27 -9.12
C VAL A 163 1.90 9.89 -10.07
N LEU A 164 1.18 8.83 -9.73
CA LEU A 164 -0.02 8.42 -10.50
C LEU A 164 -1.23 9.25 -10.02
N THR A 165 -1.32 10.50 -10.48
CA THR A 165 -2.43 11.42 -10.15
C THR A 165 -3.73 10.99 -10.86
N GLY A 166 -3.62 10.37 -12.02
CA GLY A 166 -4.81 9.89 -12.77
C GLY A 166 -5.92 10.93 -12.85
N VAL A 167 -7.15 10.51 -12.62
CA VAL A 167 -8.34 11.40 -12.59
C VAL A 167 -8.49 11.93 -11.17
N PHE A 168 -8.55 13.26 -11.03
CA PHE A 168 -8.53 13.87 -9.68
C PHE A 168 -9.71 14.81 -9.48
N THR A 169 -9.97 15.10 -8.20
CA THR A 169 -11.04 16.01 -7.75
C THR A 169 -10.49 16.81 -6.57
N LYS A 170 -11.23 17.82 -6.16
CA LYS A 170 -10.83 18.63 -5.00
C LYS A 170 -10.96 17.81 -3.72
N GLY A 171 -9.94 17.86 -2.87
CA GLY A 171 -9.93 17.16 -1.57
C GLY A 171 -10.61 17.96 -0.49
N ARG A 172 -10.61 17.40 0.71
CA ARG A 172 -11.22 18.02 1.92
CA ARG A 172 -11.19 18.04 1.92
C ARG A 172 -10.64 17.32 3.16
N ALA A 173 -10.71 17.95 4.31
CA ALA A 173 -10.11 17.45 5.55
C ALA A 173 -10.77 16.13 5.90
N GLY A 174 -9.97 15.16 6.33
CA GLY A 174 -10.48 13.92 6.95
C GLY A 174 -10.64 12.78 5.95
N LEU A 175 -10.46 12.99 4.64
CA LEU A 175 -10.51 11.88 3.67
C LEU A 175 -9.43 10.88 4.04
N VAL A 176 -9.74 9.58 3.97
CA VAL A 176 -8.73 8.49 4.08
C VAL A 176 -8.51 7.80 2.73
N THR A 177 -9.40 7.99 1.75
CA THR A 177 -9.26 7.58 0.32
C THR A 177 -9.83 8.70 -0.54
N PRO A 178 -9.54 8.76 -1.85
CA PRO A 178 -10.22 9.72 -2.71
C PRO A 178 -11.73 9.47 -2.69
N PRO A 179 -12.54 10.52 -2.93
CA PRO A 179 -13.99 10.34 -3.04
C PRO A 179 -14.38 9.42 -4.19
N PRO A 180 -15.62 8.89 -4.20
CA PRO A 180 -16.12 8.22 -5.40
C PRO A 180 -16.41 9.20 -6.55
N LYS A 181 -16.33 8.73 -7.79
CA LYS A 181 -16.57 9.55 -9.01
C LYS A 181 -18.07 9.82 -9.15
N ASN A 182 -18.89 8.86 -8.72
CA ASN A 182 -20.36 8.99 -8.61
C ASN A 182 -20.76 8.16 -7.40
N PRO A 183 -21.43 8.73 -6.38
CA PRO A 183 -21.80 7.99 -5.18
C PRO A 183 -22.90 6.92 -5.39
N HIS A 184 -23.44 6.79 -6.61
CA HIS A 184 -24.28 5.64 -7.04
C HIS A 184 -23.42 4.37 -7.13
N ASN A 185 -22.13 4.51 -7.48
CA ASN A 185 -21.10 3.43 -7.42
C ASN A 185 -19.99 3.87 -6.46
N PRO A 186 -20.18 3.66 -5.14
CA PRO A 186 -19.27 4.20 -4.13
C PRO A 186 -17.86 3.60 -4.10
N THR A 187 -17.57 2.50 -4.81
CA THR A 187 -16.21 1.88 -4.78
C THR A 187 -15.38 2.29 -6.00
N ASP A 188 -15.97 2.94 -7.00
CA ASP A 188 -15.20 3.43 -8.19
C ASP A 188 -14.65 4.82 -7.85
N LEU A 189 -13.37 4.93 -7.52
CA LEU A 189 -12.80 6.14 -6.86
C LEU A 189 -12.04 7.03 -7.85
N PHE A 190 -11.97 8.32 -7.57
CA PHE A 190 -10.90 9.18 -8.13
C PHE A 190 -9.55 8.56 -7.75
N ASP A 191 -8.50 8.87 -8.52
CA ASP A 191 -7.13 8.34 -8.30
C ASP A 191 -6.39 9.18 -7.26
N SER A 192 -6.69 10.48 -7.20
CA SER A 192 -6.02 11.41 -6.26
C SER A 192 -6.92 12.62 -6.00
N VAL A 193 -6.50 13.48 -5.05
CA VAL A 193 -7.22 14.76 -4.86
C VAL A 193 -6.21 15.90 -4.97
N THR A 194 -6.74 17.11 -5.05
CA THR A 194 -5.92 18.32 -5.21
C THR A 194 -6.55 19.48 -4.44
N ASN A 195 -5.82 20.57 -4.33
CA ASN A 195 -6.33 21.82 -3.72
C ASN A 195 -7.29 22.53 -4.69
N ASN A 196 -7.07 22.41 -5.99
CA ASN A 196 -7.75 23.21 -7.04
C ASN A 196 -7.71 22.42 -8.36
N THR A 197 -8.85 22.00 -8.90
CA THR A 197 -8.89 21.13 -10.11
C THR A 197 -8.49 21.91 -11.37
N ARG A 198 -8.78 23.21 -11.45
CA ARG A 198 -8.49 24.00 -12.68
C ARG A 198 -7.00 24.36 -12.72
N SER A 199 -6.37 24.61 -11.58
CA SER A 199 -4.97 25.06 -11.50
C SER A 199 -4.31 24.42 -10.27
N PRO A 200 -4.05 23.09 -10.31
CA PRO A 200 -3.52 22.40 -9.14
C PRO A 200 -2.12 22.84 -8.72
N LYS A 201 -1.89 22.98 -7.42
CA LYS A 201 -0.53 23.21 -6.87
C LYS A 201 -0.08 22.07 -5.95
N LEU A 202 -1.02 21.25 -5.44
CA LEU A 202 -0.61 20.05 -4.68
CA LEU A 202 -0.79 20.12 -4.50
C LEU A 202 -1.54 18.89 -5.03
N PHE A 203 -1.01 17.69 -4.86
CA PHE A 203 -1.74 16.42 -5.06
C PHE A 203 -1.52 15.54 -3.84
N VAL A 204 -2.56 14.79 -3.51
CA VAL A 204 -2.54 13.84 -2.37
C VAL A 204 -2.87 12.45 -2.91
N VAL A 205 -2.05 11.47 -2.57
CA VAL A 205 -2.34 10.04 -2.91
C VAL A 205 -2.45 9.26 -1.60
N PHE A 206 -3.28 8.23 -1.63
CA PHE A 206 -3.74 7.54 -0.42
C PHE A 206 -3.36 6.06 -0.42
N PHE A 207 -2.55 5.64 -1.37
CA PHE A 207 -2.20 4.21 -1.51
C PHE A 207 -0.70 4.07 -1.69
N ASP A 208 -0.19 2.96 -1.16
CA ASP A 208 1.24 2.61 -1.31
C ASP A 208 1.48 2.36 -2.80
N ASN A 209 2.66 2.74 -3.25
CA ASN A 209 3.15 2.37 -4.61
C ASN A 209 2.34 3.16 -5.67
N GLN A 210 1.76 4.30 -5.30
CA GLN A 210 1.19 5.28 -6.26
C GLN A 210 2.21 6.39 -6.58
N ALA A 211 3.38 6.33 -5.96
CA ALA A 211 4.43 7.36 -6.09
C ALA A 211 5.79 6.68 -6.05
N TYR A 212 6.66 7.00 -7.00
CA TYR A 212 8.01 6.42 -7.09
C TYR A 212 9.02 7.55 -6.91
N PRO A 213 9.84 7.53 -5.84
CA PRO A 213 10.84 8.56 -5.62
C PRO A 213 11.97 8.33 -6.63
N GLU A 214 12.09 9.22 -7.63
CA GLU A 214 12.99 8.99 -8.78
C GLU A 214 14.33 9.70 -8.55
N TYR A 215 14.35 10.90 -8.00
CA TYR A 215 15.62 11.62 -7.71
C TYR A 215 15.55 12.28 -6.35
N LEU A 216 16.69 12.37 -5.69
CA LEU A 216 16.87 13.08 -4.40
C LEU A 216 17.82 14.25 -4.61
N ILE A 217 17.33 15.46 -4.34
CA ILE A 217 18.13 16.71 -4.47
C ILE A 217 18.57 17.09 -3.05
N THR A 218 19.88 17.27 -2.85
CA THR A 218 20.45 17.80 -1.59
C THR A 218 20.88 19.23 -1.88
N PHE A 219 20.42 20.19 -1.08
CA PHE A 219 20.58 21.64 -1.40
C PHE A 219 20.58 22.47 -0.13
N THR A 220 21.01 23.74 -0.24
CA THR A 220 21.03 24.73 0.86
C THR A 220 20.38 26.03 0.41
N ALA A 221 19.97 26.84 1.37
CA ALA A 221 19.35 28.17 1.15
C ALA A 221 20.42 29.19 0.72
N ASN B 24 -1.28 -13.38 -15.46
CA ASN B 24 -0.85 -14.38 -14.42
C ASN B 24 -2.06 -14.92 -13.64
N LEU B 25 -3.29 -14.74 -14.13
CA LEU B 25 -4.50 -15.12 -13.34
C LEU B 25 -4.55 -16.63 -13.26
N PRO B 26 -4.96 -17.21 -12.11
CA PRO B 26 -4.97 -18.67 -11.95
C PRO B 26 -5.92 -19.37 -12.93
N GLU B 27 -5.52 -20.53 -13.46
CA GLU B 27 -6.17 -21.15 -14.64
C GLU B 27 -7.50 -21.79 -14.26
N HIS B 28 -7.75 -22.03 -12.98
CA HIS B 28 -9.02 -22.64 -12.52
C HIS B 28 -10.05 -21.54 -12.19
N TRP B 29 -9.70 -20.25 -12.25
CA TRP B 29 -10.70 -19.15 -12.09
C TRP B 29 -11.71 -19.27 -13.24
N THR B 30 -12.94 -18.84 -13.02
CA THR B 30 -13.95 -18.69 -14.11
C THR B 30 -13.47 -17.61 -15.10
N ASP B 31 -13.83 -17.78 -16.38
CA ASP B 31 -13.53 -16.76 -17.42
C ASP B 31 -14.38 -15.53 -17.08
N MET B 32 -13.76 -14.37 -16.95
CA MET B 32 -14.48 -13.13 -16.58
C MET B 32 -14.80 -12.28 -17.81
N ASN B 33 -14.44 -12.74 -19.02
CA ASN B 33 -14.83 -12.09 -20.30
C ASN B 33 -14.34 -10.64 -20.32
N HIS B 34 -13.04 -10.43 -20.09
CA HIS B 34 -12.37 -9.09 -20.13
C HIS B 34 -12.70 -8.28 -18.85
N GLN B 35 -13.66 -8.72 -18.04
CA GLN B 35 -14.01 -8.07 -16.73
C GLN B 35 -12.86 -8.32 -15.74
N LEU B 36 -12.70 -7.43 -14.76
CA LEU B 36 -11.51 -7.40 -13.86
C LEU B 36 -11.88 -7.97 -12.49
N PHE B 37 -13.14 -8.34 -12.30
CA PHE B 37 -13.65 -8.64 -10.95
C PHE B 37 -14.92 -9.48 -11.03
N CYS B 38 -15.00 -10.51 -10.21
CA CYS B 38 -16.19 -11.41 -10.13
CA CYS B 38 -16.30 -11.18 -9.96
C CYS B 38 -16.17 -12.12 -8.77
N MET B 39 -17.34 -12.40 -8.20
CA MET B 39 -17.51 -13.27 -7.02
C MET B 39 -18.11 -14.56 -7.55
N VAL B 40 -17.52 -15.71 -7.25
CA VAL B 40 -17.99 -17.04 -7.74
C VAL B 40 -18.51 -17.87 -6.57
N GLN B 41 -19.79 -18.24 -6.62
CA GLN B 41 -20.42 -19.04 -5.56
C GLN B 41 -19.94 -20.48 -5.67
N LEU B 42 -19.37 -21.03 -4.61
CA LEU B 42 -18.83 -22.41 -4.61
C LEU B 42 -19.93 -23.43 -4.28
N GLU B 43 -19.71 -24.66 -4.72
CA GLU B 43 -20.69 -25.77 -4.52
C GLU B 43 -20.22 -26.66 -3.38
N PRO B 44 -21.07 -26.90 -2.34
CA PRO B 44 -20.75 -27.86 -1.31
C PRO B 44 -20.45 -29.22 -1.97
N GLY B 45 -19.46 -29.92 -1.45
CA GLY B 45 -19.06 -31.22 -2.00
C GLY B 45 -17.86 -31.09 -2.91
N GLN B 46 -17.62 -29.93 -3.51
CA GLN B 46 -16.32 -29.64 -4.17
C GLN B 46 -15.25 -29.54 -3.08
N SER B 47 -14.05 -30.08 -3.33
CA SER B 47 -12.91 -29.98 -2.40
C SER B 47 -12.66 -28.51 -2.00
N GLU B 48 -12.81 -27.58 -2.93
CA GLU B 48 -12.52 -26.15 -2.69
C GLU B 48 -13.47 -25.57 -1.62
N TYR B 49 -14.77 -25.86 -1.71
CA TYR B 49 -15.77 -25.49 -0.67
C TYR B 49 -15.45 -26.20 0.64
N ASN B 50 -15.23 -27.52 0.58
CA ASN B 50 -15.15 -28.37 1.80
C ASN B 50 -13.93 -27.98 2.64
N THR B 51 -12.77 -27.64 2.04
CA THR B 51 -11.54 -27.27 2.80
CA THR B 51 -11.56 -27.27 2.79
C THR B 51 -11.82 -25.99 3.58
N ILE B 52 -12.50 -25.04 2.96
CA ILE B 52 -12.82 -23.76 3.65
C ILE B 52 -13.84 -24.02 4.75
N LYS B 53 -14.86 -24.82 4.45
CA LYS B 53 -15.89 -25.14 5.47
C LYS B 53 -15.20 -25.80 6.67
N ASP B 54 -14.28 -26.75 6.44
CA ASP B 54 -13.59 -27.47 7.54
C ASP B 54 -12.71 -26.50 8.32
N LYS B 55 -11.99 -25.62 7.64
CA LYS B 55 -11.08 -24.65 8.31
C LYS B 55 -11.91 -23.79 9.27
N PHE B 56 -13.09 -23.37 8.83
CA PHE B 56 -14.03 -22.53 9.60
C PHE B 56 -14.60 -23.34 10.79
N THR B 57 -15.16 -24.53 10.52
CA THR B 57 -15.90 -25.33 11.54
C THR B 57 -14.94 -25.88 12.60
N ARG B 58 -13.65 -25.95 12.33
CA ARG B 58 -12.63 -26.38 13.32
C ARG B 58 -12.82 -25.57 14.62
N THR B 59 -13.19 -24.28 14.53
CA THR B 59 -13.40 -23.42 15.73
C THR B 59 -14.76 -22.74 15.76
N CYS B 60 -15.59 -22.83 14.71
CA CYS B 60 -16.94 -22.20 14.62
C CYS B 60 -18.06 -23.21 14.32
N SER B 61 -18.00 -24.41 14.91
CA SER B 61 -19.02 -25.48 14.74
C SER B 61 -20.43 -25.02 15.18
N SER B 62 -20.56 -23.97 16.01
CA SER B 62 -21.89 -23.49 16.51
C SER B 62 -22.62 -22.63 15.46
N TYR B 63 -21.91 -22.13 14.44
CA TYR B 63 -22.45 -21.24 13.38
C TYR B 63 -22.77 -22.13 12.19
N ALA B 64 -23.55 -21.61 11.24
CA ALA B 64 -23.84 -22.33 9.99
C ALA B 64 -23.54 -21.43 8.79
N ILE B 65 -22.87 -22.01 7.79
CA ILE B 65 -22.48 -21.28 6.56
C ILE B 65 -23.67 -21.19 5.62
N GLU B 66 -23.98 -19.98 5.17
CA GLU B 66 -24.96 -19.73 4.11
C GLU B 66 -24.32 -20.03 2.76
N LYS B 67 -23.18 -19.40 2.48
CA LYS B 67 -22.48 -19.60 1.19
C LYS B 67 -21.02 -19.22 1.33
N ILE B 68 -20.21 -19.73 0.42
CA ILE B 68 -18.78 -19.36 0.28
C ILE B 68 -18.55 -18.90 -1.16
N GLU B 69 -18.00 -17.70 -1.30
CA GLU B 69 -17.71 -17.12 -2.61
C GLU B 69 -16.21 -16.98 -2.79
N ARG B 70 -15.72 -17.46 -3.94
CA ARG B 70 -14.34 -17.18 -4.42
C ARG B 70 -14.28 -15.77 -4.97
N ILE B 71 -13.31 -14.96 -4.50
CA ILE B 71 -13.12 -13.55 -4.91
C ILE B 71 -12.09 -13.55 -6.03
N GLN B 72 -12.49 -13.17 -7.24
CA GLN B 72 -11.58 -13.06 -8.42
C GLN B 72 -11.38 -11.57 -8.67
N ASN B 73 -10.29 -11.00 -8.15
CA ASN B 73 -10.01 -9.57 -8.32
C ASN B 73 -8.64 -9.47 -9.00
N ALA B 74 -8.65 -9.24 -10.32
CA ALA B 74 -7.43 -9.32 -11.13
C ALA B 74 -6.37 -8.36 -10.59
N PHE B 75 -6.73 -7.10 -10.36
CA PHE B 75 -5.71 -6.10 -9.93
C PHE B 75 -5.16 -6.40 -8.54
N LEU B 76 -6.00 -6.73 -7.56
CA LEU B 76 -5.50 -7.04 -6.20
C LEU B 76 -4.59 -8.26 -6.29
N TRP B 77 -4.94 -9.23 -7.13
CA TRP B 77 -4.14 -10.46 -7.25
C TRP B 77 -2.76 -10.10 -7.81
N GLN B 78 -2.74 -9.30 -8.88
CA GLN B 78 -1.45 -8.93 -9.52
C GLN B 78 -0.53 -8.25 -8.50
N SER B 79 -1.05 -7.27 -7.78
CA SER B 79 -0.22 -6.46 -6.84
C SER B 79 0.23 -7.34 -5.68
N TYR B 80 -0.64 -8.21 -5.18
CA TYR B 80 -0.30 -9.16 -4.10
C TYR B 80 0.80 -10.11 -4.56
N GLN B 81 0.67 -10.71 -5.74
CA GLN B 81 1.64 -11.72 -6.23
C GLN B 81 3.00 -11.04 -6.47
N VAL B 82 3.03 -9.76 -6.87
CA VAL B 82 4.30 -9.00 -6.97
C VAL B 82 4.97 -8.88 -5.59
N LYS B 83 4.20 -8.51 -4.58
CA LYS B 83 4.73 -8.41 -3.19
C LYS B 83 5.21 -9.78 -2.72
N LYS B 84 4.49 -10.87 -3.04
CA LYS B 84 4.89 -12.21 -2.58
C LYS B 84 6.22 -12.60 -3.22
N ARG B 85 6.35 -12.37 -4.52
CA ARG B 85 7.61 -12.68 -5.23
C ARG B 85 8.77 -11.90 -4.58
N GLN B 86 8.54 -10.65 -4.24
CA GLN B 86 9.59 -9.81 -3.60
C GLN B 86 9.96 -10.36 -2.23
N MET B 87 9.00 -10.74 -1.40
CA MET B 87 9.28 -11.26 -0.04
C MET B 87 9.96 -12.63 -0.16
N ASP B 88 9.55 -13.43 -1.14
CA ASP B 88 10.18 -14.75 -1.39
C ASP B 88 11.66 -14.54 -1.76
N ILE B 89 11.97 -13.51 -2.56
CA ILE B 89 13.38 -13.25 -2.95
C ILE B 89 14.14 -12.79 -1.70
N LYS B 90 13.60 -11.81 -0.98
CA LYS B 90 14.29 -11.12 0.13
C LYS B 90 14.55 -12.10 1.27
N ASN B 91 13.57 -12.92 1.62
CA ASN B 91 13.67 -13.81 2.80
C ASN B 91 14.38 -15.14 2.47
N ASP B 92 14.37 -15.60 1.22
CA ASP B 92 15.04 -16.86 0.78
C ASP B 92 14.58 -18.07 1.64
N HIS B 93 13.61 -18.83 1.13
CA HIS B 93 13.18 -20.18 1.61
C HIS B 93 12.40 -20.08 2.93
N LYS B 94 11.77 -18.94 3.22
CA LYS B 94 10.72 -18.86 4.26
C LYS B 94 9.37 -19.25 3.62
N ASN B 95 8.47 -19.87 4.39
CA ASN B 95 7.03 -19.89 4.05
C ASN B 95 6.51 -18.52 4.45
N ASN B 96 6.36 -17.61 3.49
CA ASN B 96 5.98 -16.19 3.79
C ASN B 96 4.47 -16.02 3.87
N GLU B 97 3.68 -16.99 3.42
CA GLU B 97 2.22 -16.81 3.26
C GLU B 97 1.44 -17.72 4.23
N ARG B 98 0.47 -17.15 4.93
CA ARG B 98 -0.44 -17.93 5.80
C ARG B 98 -1.87 -17.68 5.33
N LEU B 99 -2.78 -18.62 5.58
CA LEU B 99 -4.21 -18.44 5.26
C LEU B 99 -4.93 -18.10 6.55
N LEU B 100 -5.43 -16.86 6.66
CA LEU B 100 -5.97 -16.34 7.93
C LEU B 100 -7.40 -15.84 7.72
N PHE B 101 -8.05 -15.42 8.79
CA PHE B 101 -9.45 -14.97 8.76
C PHE B 101 -9.54 -13.49 9.09
N HIS B 102 -10.56 -12.84 8.56
CA HIS B 102 -10.83 -11.41 8.87
C HIS B 102 -12.33 -11.18 8.88
N GLY B 103 -12.88 -10.99 10.09
CA GLY B 103 -14.29 -10.62 10.24
C GLY B 103 -14.50 -9.15 9.95
N THR B 104 -15.56 -8.78 9.23
CA THR B 104 -15.91 -7.35 9.06
C THR B 104 -17.41 -7.15 8.94
N ASP B 105 -17.82 -5.89 8.95
CA ASP B 105 -19.24 -5.49 8.86
C ASP B 105 -19.68 -5.50 7.38
N ALA B 106 -20.98 -5.62 7.16
CA ALA B 106 -21.57 -5.63 5.80
C ALA B 106 -21.19 -4.35 5.04
N ASP B 107 -21.09 -3.20 5.71
CA ASP B 107 -20.83 -1.90 5.04
C ASP B 107 -19.44 -1.91 4.39
N SER B 108 -18.50 -2.73 4.90
CA SER B 108 -17.08 -2.80 4.47
C SER B 108 -16.91 -3.79 3.31
N VAL B 109 -17.85 -4.70 3.10
CA VAL B 109 -17.66 -5.85 2.14
C VAL B 109 -17.44 -5.32 0.72
N PRO B 110 -18.25 -4.41 0.14
CA PRO B 110 -18.00 -3.96 -1.23
C PRO B 110 -16.60 -3.33 -1.40
N TYR B 111 -16.13 -2.59 -0.40
CA TYR B 111 -14.79 -1.92 -0.48
C TYR B 111 -13.72 -3.01 -0.45
N VAL B 112 -13.79 -3.94 0.49
CA VAL B 112 -12.75 -5.02 0.60
C VAL B 112 -12.74 -5.86 -0.68
N ASN B 113 -13.90 -6.23 -1.21
CA ASN B 113 -13.98 -7.06 -2.44
C ASN B 113 -13.20 -6.38 -3.57
N GLN B 114 -13.34 -5.06 -3.70
CA GLN B 114 -12.79 -4.28 -4.85
C GLN B 114 -11.37 -3.80 -4.55
N HIS B 115 -11.11 -3.38 -3.30
CA HIS B 115 -9.87 -2.62 -2.97
C HIS B 115 -9.01 -3.26 -1.90
N GLY B 116 -9.45 -4.36 -1.30
CA GLY B 116 -8.68 -5.07 -0.26
C GLY B 116 -8.69 -4.36 1.10
N PHE B 117 -7.64 -4.60 1.87
CA PHE B 117 -7.58 -4.26 3.32
C PHE B 117 -6.80 -2.97 3.51
N ASN B 118 -7.49 -1.93 3.95
CA ASN B 118 -6.93 -0.57 4.09
C ASN B 118 -6.67 -0.27 5.58
N ARG B 119 -5.41 -0.18 6.00
CA ARG B 119 -5.05 0.11 7.40
C ARG B 119 -5.69 1.42 7.88
N SER B 120 -5.92 2.36 6.98
CA SER B 120 -6.43 3.72 7.33
C SER B 120 -7.87 3.61 7.85
N CYS B 121 -8.55 2.49 7.63
CA CYS B 121 -9.98 2.26 8.00
CA CYS B 121 -9.96 2.37 8.10
C CYS B 121 -10.09 1.29 9.18
N ALA B 122 -8.98 0.73 9.66
CA ALA B 122 -8.95 -0.30 10.74
C ALA B 122 -9.33 0.31 12.09
N GLY B 123 -10.14 -0.39 12.86
CA GLY B 123 -10.45 0.01 14.25
C GLY B 123 -9.27 -0.24 15.16
N LYS B 124 -9.24 0.37 16.34
CA LYS B 124 -8.28 -0.01 17.40
C LYS B 124 -8.71 -1.40 17.89
N ASN B 125 -7.79 -2.36 17.99
CA ASN B 125 -8.10 -3.73 18.47
C ASN B 125 -8.20 -3.72 20.00
N ALA B 126 -9.01 -4.59 20.61
CA ALA B 126 -9.16 -4.62 22.09
C ALA B 126 -7.81 -4.98 22.73
N VAL B 127 -6.98 -5.77 22.07
CA VAL B 127 -5.54 -5.89 22.46
C VAL B 127 -4.72 -5.44 21.26
N SER B 128 -4.14 -4.25 21.36
CA SER B 128 -3.44 -3.65 20.22
C SER B 128 -1.96 -4.04 20.21
N TYR B 129 -1.51 -4.59 19.08
CA TYR B 129 -0.09 -4.89 18.79
C TYR B 129 0.39 -3.99 17.66
N GLY B 130 -0.32 -2.90 17.39
CA GLY B 130 0.06 -1.90 16.39
C GLY B 130 -1.11 -1.45 15.57
N LYS B 131 -0.93 -0.35 14.83
CA LYS B 131 -2.00 0.31 14.05
C LYS B 131 -1.92 -0.27 12.64
N GLY B 132 -2.60 -1.37 12.39
CA GLY B 132 -2.64 -1.97 11.04
C GLY B 132 -3.87 -2.83 10.88
N THR B 133 -3.92 -3.67 9.85
CA THR B 133 -5.05 -4.59 9.63
C THR B 133 -4.77 -5.90 10.37
N TYR B 134 -5.76 -6.40 11.10
CA TYR B 134 -5.64 -7.61 11.95
C TYR B 134 -6.22 -8.83 11.23
N PHE B 135 -5.51 -9.94 11.34
CA PHE B 135 -5.94 -11.25 10.78
C PHE B 135 -5.79 -12.34 11.85
N ALA B 136 -6.78 -13.23 11.93
CA ALA B 136 -6.85 -14.24 13.00
C ALA B 136 -6.44 -15.62 12.47
N VAL B 137 -5.76 -16.40 13.29
CA VAL B 137 -5.44 -17.82 12.99
C VAL B 137 -6.74 -18.62 13.07
N ASP B 138 -7.57 -18.34 14.07
CA ASP B 138 -8.80 -19.12 14.32
C ASP B 138 -10.04 -18.35 13.86
N ALA B 139 -10.91 -19.00 13.08
CA ALA B 139 -12.20 -18.39 12.68
C ALA B 139 -13.01 -17.93 13.90
N SER B 140 -12.94 -18.61 15.05
CA SER B 140 -13.69 -18.23 16.28
C SER B 140 -13.40 -16.78 16.68
N TYR B 141 -12.17 -16.31 16.50
CA TYR B 141 -11.77 -14.92 16.87
C TYR B 141 -12.53 -13.95 15.94
N SER B 142 -12.43 -14.18 14.63
CA SER B 142 -13.08 -13.35 13.60
C SER B 142 -14.61 -13.43 13.71
N ALA B 143 -15.15 -14.51 14.28
CA ALA B 143 -16.61 -14.76 14.39
C ALA B 143 -17.22 -13.89 15.50
N LYS B 144 -16.43 -13.25 16.35
CA LYS B 144 -16.99 -12.35 17.40
C LYS B 144 -17.80 -11.24 16.75
N ASP B 145 -18.95 -10.88 17.33
CA ASP B 145 -19.83 -9.83 16.80
C ASP B 145 -19.07 -8.50 16.69
N THR B 146 -18.02 -8.30 17.46
CA THR B 146 -17.16 -7.09 17.44
CA THR B 146 -17.22 -7.06 17.43
C THR B 146 -16.53 -6.92 16.07
N TYR B 147 -16.25 -8.03 15.37
CA TYR B 147 -15.56 -8.00 14.05
C TYR B 147 -16.55 -8.29 12.93
N SER B 148 -17.15 -9.48 12.95
CA SER B 148 -18.14 -9.90 11.93
C SER B 148 -19.54 -9.45 12.39
N LYS B 149 -19.77 -8.14 12.43
CA LYS B 149 -21.01 -7.57 12.98
C LYS B 149 -22.18 -8.17 12.21
N PRO B 150 -23.18 -8.78 12.87
CA PRO B 150 -24.37 -9.23 12.17
C PRO B 150 -25.06 -8.05 11.48
N ASP B 151 -25.53 -8.24 10.25
CA ASP B 151 -26.26 -7.21 9.49
C ASP B 151 -27.74 -7.25 9.90
N SER B 152 -28.56 -6.45 9.25
CA SER B 152 -29.99 -6.32 9.62
C SER B 152 -30.77 -7.62 9.37
N ASN B 153 -30.20 -8.58 8.63
CA ASN B 153 -30.81 -9.92 8.35
C ASN B 153 -30.09 -11.01 9.15
N GLY B 154 -29.21 -10.63 10.09
CA GLY B 154 -28.50 -11.59 10.95
C GLY B 154 -27.37 -12.29 10.23
N ARG B 155 -26.96 -11.80 9.07
CA ARG B 155 -25.81 -12.42 8.35
C ARG B 155 -24.49 -11.82 8.87
N LYS B 156 -23.51 -12.69 9.10
CA LYS B 156 -22.12 -12.34 9.52
C LYS B 156 -21.20 -12.62 8.33
N HIS B 157 -20.14 -11.84 8.21
CA HIS B 157 -19.22 -11.87 7.03
C HIS B 157 -17.79 -12.06 7.49
N MET B 158 -17.13 -13.05 6.93
CA MET B 158 -15.71 -13.32 7.28
C MET B 158 -14.96 -13.66 6.00
N TYR B 159 -13.84 -12.97 5.78
CA TYR B 159 -12.91 -13.30 4.68
C TYR B 159 -11.90 -14.36 5.09
N VAL B 160 -11.54 -15.19 4.12
CA VAL B 160 -10.37 -16.10 4.19
C VAL B 160 -9.32 -15.45 3.28
N VAL B 161 -8.14 -15.19 3.85
CA VAL B 161 -7.19 -14.20 3.29
C VAL B 161 -5.80 -14.84 3.17
N ARG B 162 -5.16 -14.69 2.02
CA ARG B 162 -3.73 -15.04 1.91
C ARG B 162 -2.96 -13.83 2.43
N VAL B 163 -2.16 -14.01 3.48
CA VAL B 163 -1.43 -12.90 4.16
C VAL B 163 0.06 -13.18 4.12
N LEU B 164 0.84 -12.17 3.70
CA LEU B 164 2.32 -12.28 3.68
C LEU B 164 2.88 -11.93 5.06
N THR B 165 2.81 -12.91 5.96
CA THR B 165 3.30 -12.75 7.35
C THR B 165 4.84 -12.67 7.37
N GLY B 166 5.51 -13.33 6.43
CA GLY B 166 6.98 -13.29 6.35
C GLY B 166 7.65 -13.63 7.66
N VAL B 167 8.66 -12.83 8.00
CA VAL B 167 9.40 -12.92 9.29
C VAL B 167 8.75 -11.93 10.25
N PHE B 168 8.33 -12.40 11.43
CA PHE B 168 7.51 -11.59 12.34
C PHE B 168 8.10 -11.61 13.75
N THR B 169 7.67 -10.66 14.55
CA THR B 169 8.04 -10.49 15.98
C THR B 169 6.80 -10.05 16.75
N LYS B 170 6.88 -10.05 18.08
CA LYS B 170 5.79 -9.54 18.92
C LYS B 170 5.61 -8.05 18.67
N GLY B 171 4.37 -7.63 18.40
CA GLY B 171 4.07 -6.23 18.12
C GLY B 171 3.97 -5.40 19.39
N ARG B 172 3.67 -4.13 19.23
CA ARG B 172 3.51 -3.14 20.33
C ARG B 172 2.48 -2.10 19.88
N ALA B 173 1.63 -1.61 20.78
CA ALA B 173 0.52 -0.69 20.42
C ALA B 173 1.02 0.55 19.66
N GLY B 174 2.23 1.05 19.90
CA GLY B 174 2.69 2.29 19.21
C GLY B 174 2.93 2.15 17.70
N LEU B 175 3.04 0.94 17.17
CA LEU B 175 3.63 0.74 15.82
C LEU B 175 2.72 1.29 14.72
N VAL B 176 3.29 1.95 13.71
CA VAL B 176 2.58 2.32 12.46
C VAL B 176 3.22 1.59 11.26
N THR B 177 4.37 0.95 11.47
CA THR B 177 5.04 -0.02 10.55
C THR B 177 5.58 -1.16 11.40
N PRO B 178 5.97 -2.35 10.86
CA PRO B 178 6.63 -3.34 11.69
C PRO B 178 7.94 -2.73 12.17
N PRO B 179 8.47 -3.22 13.30
CA PRO B 179 9.71 -2.69 13.84
C PRO B 179 10.89 -3.18 13.02
N PRO B 180 12.05 -2.50 13.15
CA PRO B 180 13.27 -2.98 12.53
C PRO B 180 13.72 -4.27 13.23
N LYS B 181 14.42 -5.11 12.49
CA LYS B 181 15.07 -6.34 13.03
CA LYS B 181 15.06 -6.34 13.03
C LYS B 181 16.26 -5.94 13.91
N ASN B 182 16.90 -4.82 13.58
CA ASN B 182 18.15 -4.35 14.20
C ASN B 182 18.01 -2.86 14.48
N PRO B 183 18.18 -2.38 15.73
CA PRO B 183 17.97 -0.96 16.02
C PRO B 183 18.98 -0.03 15.33
N HIS B 184 20.13 -0.55 14.90
CA HIS B 184 21.17 0.26 14.23
C HIS B 184 20.95 0.29 12.72
N ASN B 185 19.89 -0.37 12.23
CA ASN B 185 19.54 -0.35 10.79
C ASN B 185 18.04 -0.19 10.71
N PRO B 186 17.51 1.02 11.01
CA PRO B 186 16.07 1.18 11.23
C PRO B 186 15.16 0.91 10.02
N THR B 187 15.68 0.85 8.79
CA THR B 187 14.84 0.65 7.58
C THR B 187 14.73 -0.83 7.20
N ASP B 188 15.47 -1.74 7.83
CA ASP B 188 15.36 -3.19 7.47
C ASP B 188 14.32 -3.84 8.40
N LEU B 189 13.07 -3.98 7.94
CA LEU B 189 11.90 -4.26 8.80
C LEU B 189 11.50 -5.74 8.84
N PHE B 190 10.94 -6.16 9.99
CA PHE B 190 10.08 -7.36 10.02
C PHE B 190 8.96 -7.20 8.99
N ASP B 191 8.38 -8.31 8.51
CA ASP B 191 7.28 -8.23 7.51
C ASP B 191 5.93 -7.98 8.20
N SER B 192 5.77 -8.46 9.42
CA SER B 192 4.50 -8.37 10.18
C SER B 192 4.79 -8.50 11.66
N VAL B 193 3.78 -8.33 12.50
CA VAL B 193 3.91 -8.61 13.95
C VAL B 193 2.77 -9.53 14.38
N THR B 194 2.94 -10.11 15.55
CA THR B 194 1.97 -11.04 16.15
C THR B 194 1.77 -10.71 17.62
N ASN B 195 0.83 -11.38 18.25
CA ASN B 195 0.59 -11.24 19.71
C ASN B 195 1.63 -12.08 20.49
N ASN B 196 2.12 -13.17 19.92
CA ASN B 196 2.99 -14.15 20.63
C ASN B 196 3.76 -14.99 19.60
N THR B 197 5.10 -14.94 19.58
CA THR B 197 5.84 -15.59 18.46
C THR B 197 5.82 -17.11 18.61
N ARG B 198 5.75 -17.59 19.84
CA ARG B 198 5.72 -19.04 20.18
C ARG B 198 4.35 -19.64 19.83
N SER B 199 3.26 -18.89 20.03
CA SER B 199 1.88 -19.37 19.79
CA SER B 199 1.87 -19.38 19.78
C SER B 199 1.06 -18.27 19.13
N PRO B 200 1.31 -17.96 17.84
CA PRO B 200 0.62 -16.84 17.19
C PRO B 200 -0.88 -17.11 17.06
N LYS B 201 -1.71 -16.14 17.42
CA LYS B 201 -3.17 -16.21 17.17
C LYS B 201 -3.65 -15.03 16.33
N LEU B 202 -2.86 -13.96 16.18
CA LEU B 202 -3.24 -12.83 15.30
C LEU B 202 -1.97 -12.32 14.64
N PHE B 203 -2.14 -11.73 13.46
CA PHE B 203 -1.05 -11.03 12.74
C PHE B 203 -1.57 -9.67 12.34
N VAL B 204 -0.67 -8.69 12.34
CA VAL B 204 -0.96 -7.30 11.92
C VAL B 204 -0.04 -6.98 10.74
N VAL B 205 -0.64 -6.47 9.67
CA VAL B 205 0.15 -6.00 8.49
C VAL B 205 -0.10 -4.52 8.30
N PHE B 206 0.90 -3.83 7.79
CA PHE B 206 0.95 -2.35 7.81
C PHE B 206 1.10 -1.78 6.40
N PHE B 207 1.00 -2.60 5.36
CA PHE B 207 1.18 -2.15 3.96
C PHE B 207 0.09 -2.68 3.05
N ASP B 208 -0.21 -1.91 2.01
CA ASP B 208 -1.21 -2.28 0.99
C ASP B 208 -0.68 -3.49 0.20
N ASN B 209 -1.60 -4.34 -0.22
CA ASN B 209 -1.27 -5.47 -1.13
C ASN B 209 -0.36 -6.48 -0.40
N GLN B 210 -0.44 -6.59 0.93
CA GLN B 210 0.23 -7.65 1.70
C GLN B 210 -0.78 -8.75 2.06
N ALA B 211 -2.05 -8.56 1.66
CA ALA B 211 -3.15 -9.51 2.00
C ALA B 211 -4.13 -9.57 0.82
N TYR B 212 -4.45 -10.76 0.32
CA TYR B 212 -5.38 -10.96 -0.80
C TYR B 212 -6.65 -11.60 -0.28
N PRO B 213 -7.83 -10.93 -0.34
CA PRO B 213 -9.08 -11.52 0.13
C PRO B 213 -9.51 -12.60 -0.88
N GLU B 214 -9.46 -13.86 -0.46
CA GLU B 214 -9.58 -15.03 -1.38
C GLU B 214 -11.02 -15.56 -1.37
N TYR B 215 -11.61 -15.70 -0.19
CA TYR B 215 -12.99 -16.21 -0.05
C TYR B 215 -13.76 -15.30 0.91
N LEU B 216 -15.05 -15.19 0.64
CA LEU B 216 -15.98 -14.53 1.57
C LEU B 216 -16.97 -15.58 2.06
N ILE B 217 -16.95 -15.82 3.37
CA ILE B 217 -17.90 -16.73 4.06
C ILE B 217 -19.06 -15.87 4.57
N THR B 218 -20.27 -16.21 4.17
CA THR B 218 -21.49 -15.58 4.74
C THR B 218 -22.10 -16.62 5.69
N PHE B 219 -22.36 -16.28 6.94
CA PHE B 219 -22.79 -17.31 7.92
C PHE B 219 -23.78 -16.69 8.92
N THR B 220 -24.49 -17.57 9.62
CA THR B 220 -25.54 -17.19 10.59
C THR B 220 -25.40 -18.05 11.83
N ALA B 221 -26.03 -17.61 12.92
CA ALA B 221 -26.31 -18.45 14.10
C ALA B 221 -27.37 -19.49 13.71
#